data_2V95
#
_entry.id   2V95
#
_cell.length_a   122.110
_cell.length_b   54.250
_cell.length_c   61.040
_cell.angle_alpha   90.00
_cell.angle_beta   97.16
_cell.angle_gamma   90.00
#
_symmetry.space_group_name_H-M   'C 1 2 1'
#
loop_
_entity.id
_entity.type
_entity.pdbx_description
1 polymer 'CORTICOSTEROID-BINDING GLOBULIN'
2 non-polymer (11alpha,14beta)-11,17,21-trihydroxypregn-4-ene-3,20-dione
3 water water
#
_entity_poly.entity_id   1
_entity_poly.type   'polypeptide(L)'
_entity_poly.pdbx_seq_one_letter_code
;GSSNSHRGLAPTNVDFAFNLYQRLVALNPDKNTLISPVSISMALAMVSLGSAQTQSLQSLGFNLTETSEAEIHQSFQYLN
YLLKQSDTGLEMNMGNAMFLLQKLKLKDSFLADVKQYYESEALAIDFEDWTKASQQINQHVKDKTQGKIEHVFSDLDSPA
SFILVNYIFLRGIWELPFSPENTREEDFYVNETSTVKVPMMVQSGSIGYFRDSVFPCQLIQMDYVGNGTAFFILPDQGQM
DTVIAALSRDTIDRWGKLMTPRQVNLYIPKFSMSDTYDLKDVLEDLNIKDLLTNQSDFSGNTKDVPLTLTMVHKAMLQLD
EGNVLPNSTNGAPLHLRSEPLDIKFNKPFILLLFDKFTWSSLMMSQVVNPA
;
_entity_poly.pdbx_strand_id   A
#
# COMPACT_ATOMS: atom_id res chain seq x y z
N ASN A 4 0.57 -18.99 15.63
CA ASN A 4 1.41 -17.82 15.21
C ASN A 4 1.89 -17.87 13.75
N SER A 5 1.71 -19.00 13.09
CA SER A 5 2.22 -19.21 11.73
C SER A 5 1.67 -18.21 10.71
N HIS A 6 0.43 -17.79 10.91
CA HIS A 6 -0.17 -16.75 10.08
C HIS A 6 0.57 -15.41 10.14
N ARG A 7 1.34 -15.21 11.22
CA ARG A 7 2.16 -14.02 11.40
C ARG A 7 3.67 -14.24 11.12
N GLY A 8 4.01 -15.39 10.56
CA GLY A 8 5.41 -15.79 10.41
C GLY A 8 6.26 -14.93 9.52
N LEU A 9 5.65 -14.23 8.59
CA LEU A 9 6.36 -13.32 7.70
C LEU A 9 6.35 -11.85 8.15
N ALA A 10 5.60 -11.53 9.19
CA ALA A 10 5.41 -10.14 9.62
C ALA A 10 6.73 -9.41 9.93
N PRO A 11 7.56 -9.99 10.80
CA PRO A 11 8.79 -9.25 11.16
C PRO A 11 9.62 -8.85 9.96
N THR A 12 9.84 -9.79 9.04
CA THR A 12 10.58 -9.51 7.79
C THR A 12 9.83 -8.57 6.91
N ASN A 13 8.56 -8.87 6.63
CA ASN A 13 7.77 -8.05 5.73
C ASN A 13 7.59 -6.62 6.22
N VAL A 14 7.40 -6.45 7.51
CA VAL A 14 7.20 -5.12 8.10
C VAL A 14 8.52 -4.32 8.33
N ASP A 15 9.63 -4.97 8.62
CA ASP A 15 10.92 -4.25 8.59
C ASP A 15 11.17 -3.68 7.20
N PHE A 16 10.89 -4.51 6.19
CA PHE A 16 11.06 -4.16 4.79
C PHE A 16 10.17 -3.00 4.39
N ALA A 17 8.96 -2.99 4.94
CA ALA A 17 7.97 -2.00 4.60
C ALA A 17 8.39 -0.60 5.15
N PHE A 18 8.84 -0.53 6.39
CA PHE A 18 9.19 0.74 7.02
C PHE A 18 10.51 1.31 6.45
N ASN A 19 11.42 0.43 6.05
CA ASN A 19 12.67 0.87 5.41
C ASN A 19 12.43 1.41 4.01
N LEU A 20 11.56 0.74 3.27
CA LEU A 20 11.21 1.17 1.94
C LEU A 20 10.46 2.50 1.99
N TYR A 21 9.43 2.55 2.82
CA TYR A 21 8.71 3.79 3.03
C TYR A 21 9.61 4.98 3.41
N GLN A 22 10.52 4.79 4.36
CA GLN A 22 11.40 5.86 4.74
C GLN A 22 12.34 6.31 3.60
N ARG A 23 12.79 5.33 2.83
CA ARG A 23 13.63 5.59 1.68
C ARG A 23 12.88 6.46 0.69
N LEU A 24 11.65 6.08 0.42
CA LEU A 24 10.86 6.78 -0.59
C LEU A 24 10.53 8.19 -0.15
N VAL A 25 10.16 8.36 1.11
CA VAL A 25 9.89 9.70 1.65
C VAL A 25 11.16 10.58 1.59
N ALA A 26 12.32 9.99 1.86
CA ALA A 26 13.57 10.73 1.76
C ALA A 26 13.89 11.17 0.33
N LEU A 27 13.63 10.28 -0.64
CA LEU A 27 13.94 10.60 -2.03
C LEU A 27 13.07 11.75 -2.54
N ASN A 28 11.81 11.78 -2.13
CA ASN A 28 10.94 12.95 -2.38
C ASN A 28 10.04 13.28 -1.19
N PRO A 29 10.50 14.18 -0.28
CA PRO A 29 9.72 14.41 0.94
C PRO A 29 8.44 15.24 0.74
N ASP A 30 8.31 15.87 -0.42
CA ASP A 30 7.28 16.86 -0.66
C ASP A 30 6.08 16.32 -1.43
N LYS A 31 6.21 15.13 -2.01
CA LYS A 31 5.10 14.47 -2.69
C LYS A 31 4.28 13.55 -1.80
N ASN A 32 3.04 13.35 -2.24
CA ASN A 32 2.23 12.26 -1.74
C ASN A 32 2.94 10.98 -2.11
N THR A 33 3.11 10.13 -1.10
CA THR A 33 3.60 8.76 -1.30
C THR A 33 2.52 7.78 -0.85
N LEU A 34 2.19 6.85 -1.74
CA LEU A 34 1.32 5.72 -1.45
C LEU A 34 1.90 4.39 -2.00
N ILE A 35 2.25 3.47 -1.11
CA ILE A 35 2.59 2.11 -1.50
C ILE A 35 1.88 1.07 -0.65
N SER A 36 1.80 -0.16 -1.16
CA SER A 36 1.42 -1.33 -0.35
C SER A 36 2.61 -2.28 -0.13
N PRO A 37 3.26 -2.22 1.05
CA PRO A 37 4.39 -3.10 1.17
C PRO A 37 4.13 -4.60 0.95
N VAL A 38 3.06 -5.15 1.53
CA VAL A 38 2.80 -6.59 1.41
C VAL A 38 2.62 -7.02 -0.05
N SER A 39 2.01 -6.13 -0.86
CA SER A 39 1.83 -6.29 -2.29
C SER A 39 3.18 -6.27 -3.02
N ILE A 40 4.07 -5.38 -2.62
CA ILE A 40 5.40 -5.31 -3.20
C ILE A 40 6.20 -6.56 -2.82
N SER A 41 6.14 -6.96 -1.54
CA SER A 41 6.79 -8.20 -1.10
C SER A 41 6.33 -9.41 -1.93
N MET A 42 5.03 -9.51 -2.16
CA MET A 42 4.45 -10.58 -2.99
C MET A 42 4.95 -10.58 -4.43
N ALA A 43 5.08 -9.39 -5.01
CA ALA A 43 5.48 -9.27 -6.39
C ALA A 43 6.93 -9.68 -6.58
N LEU A 44 7.78 -9.35 -5.63
CA LEU A 44 9.20 -9.65 -5.71
C LEU A 44 9.41 -11.12 -5.45
N ALA A 45 8.68 -11.65 -4.48
CA ALA A 45 8.70 -13.07 -4.16
C ALA A 45 8.30 -13.92 -5.38
N MET A 46 7.21 -13.51 -6.02
CA MET A 46 6.72 -14.14 -7.22
C MET A 46 7.74 -14.17 -8.36
N VAL A 47 8.45 -13.06 -8.59
CA VAL A 47 9.42 -13.02 -9.69
C VAL A 47 10.63 -13.85 -9.37
N SER A 48 10.95 -13.98 -8.08
CA SER A 48 12.04 -14.85 -7.66
C SER A 48 11.78 -16.36 -7.96
N LEU A 49 10.54 -16.73 -8.27
CA LEU A 49 10.26 -18.09 -8.73
C LEU A 49 10.99 -18.43 -10.03
N GLY A 50 11.13 -17.46 -10.91
CA GLY A 50 11.77 -17.67 -12.20
C GLY A 50 13.23 -17.28 -12.22
N SER A 51 13.61 -16.29 -11.42
CA SER A 51 15.02 -15.93 -11.31
C SER A 51 15.70 -17.03 -10.52
N THR A 54 17.65 -15.28 -5.33
CA THR A 54 18.35 -15.22 -4.04
C THR A 54 18.70 -13.78 -3.64
N GLN A 55 18.90 -12.91 -4.62
CA GLN A 55 19.13 -11.49 -4.36
C GLN A 55 17.80 -10.75 -4.32
N SER A 56 16.77 -11.31 -4.94
CA SER A 56 15.41 -10.78 -4.83
C SER A 56 14.88 -11.07 -3.43
N LEU A 57 15.05 -12.31 -2.98
CA LEU A 57 14.54 -12.75 -1.68
C LEU A 57 15.33 -12.11 -0.56
N GLN A 58 16.64 -12.04 -0.72
CA GLN A 58 17.52 -11.36 0.22
C GLN A 58 17.13 -9.89 0.36
N SER A 59 16.79 -9.25 -0.77
CA SER A 59 16.40 -7.85 -0.74
C SER A 59 15.04 -7.66 -0.03
N LEU A 60 14.22 -8.71 -0.01
CA LEU A 60 12.94 -8.71 0.73
C LEU A 60 13.14 -8.89 2.24
N GLY A 61 14.33 -9.32 2.64
CA GLY A 61 14.67 -9.44 4.06
C GLY A 61 14.97 -10.84 4.56
N PHE A 62 14.90 -11.84 3.69
CA PHE A 62 15.09 -13.23 4.09
C PHE A 62 16.58 -13.61 4.03
N ASN A 63 17.02 -14.47 4.95
CA ASN A 63 18.31 -15.13 4.78
C ASN A 63 18.10 -16.61 4.49
N LEU A 64 18.59 -17.03 3.31
CA LEU A 64 18.17 -18.27 2.68
C LEU A 64 18.93 -19.48 3.21
N THR A 65 19.93 -19.22 4.05
CA THR A 65 20.54 -20.27 4.84
C THR A 65 19.56 -20.73 5.92
N GLU A 66 18.71 -19.81 6.40
CA GLU A 66 17.78 -20.09 7.50
C GLU A 66 16.39 -20.56 7.05
N THR A 67 15.91 -20.02 5.93
CA THR A 67 14.60 -20.38 5.37
C THR A 67 14.79 -20.83 3.91
N SER A 68 14.36 -22.04 3.58
CA SER A 68 14.41 -22.51 2.19
C SER A 68 13.46 -21.76 1.25
N GLU A 69 13.66 -21.98 -0.04
CA GLU A 69 12.83 -21.38 -1.09
C GLU A 69 11.36 -21.81 -0.95
N ALA A 70 11.13 -23.12 -0.83
CA ALA A 70 9.79 -23.68 -0.63
C ALA A 70 9.09 -23.11 0.60
N GLU A 71 9.83 -22.92 1.69
CA GLU A 71 9.25 -22.33 2.90
C GLU A 71 8.72 -20.93 2.65
N ILE A 72 9.48 -20.14 1.89
CA ILE A 72 9.10 -18.76 1.62
C ILE A 72 7.89 -18.70 0.70
N HIS A 73 7.94 -19.43 -0.40
CA HIS A 73 6.83 -19.41 -1.35
C HIS A 73 5.57 -19.97 -0.71
N GLN A 74 5.70 -21.02 0.11
CA GLN A 74 4.56 -21.54 0.86
C GLN A 74 4.00 -20.51 1.86
N SER A 75 4.88 -19.83 2.58
CA SER A 75 4.45 -18.77 3.48
C SER A 75 3.71 -17.65 2.73
N PHE A 76 4.20 -17.27 1.57
CA PHE A 76 3.58 -16.18 0.81
C PHE A 76 2.24 -16.61 0.25
N GLN A 77 2.18 -17.84 -0.23
CA GLN A 77 0.93 -18.42 -0.72
C GLN A 77 -0.12 -18.38 0.39
N TYR A 78 0.23 -18.93 1.55
CA TYR A 78 -0.64 -18.93 2.73
C TYR A 78 -1.04 -17.52 3.18
N LEU A 79 -0.10 -16.57 3.08
CA LEU A 79 -0.37 -15.19 3.45
C LEU A 79 -1.40 -14.58 2.51
N ASN A 80 -1.25 -14.83 1.22
CA ASN A 80 -2.20 -14.32 0.24
C ASN A 80 -3.62 -14.81 0.50
N TYR A 81 -3.76 -16.07 0.91
CA TYR A 81 -5.06 -16.63 1.27
C TYR A 81 -5.61 -15.99 2.55
N LEU A 82 -4.76 -15.82 3.55
CA LEU A 82 -5.15 -15.17 4.81
C LEU A 82 -5.59 -13.71 4.60
N LEU A 83 -4.97 -13.01 3.65
CA LEU A 83 -5.25 -11.59 3.34
C LEU A 83 -6.63 -11.40 2.74
N LYS A 84 -6.98 -12.27 1.80
CA LYS A 84 -8.31 -12.26 1.17
C LYS A 84 -9.37 -12.83 2.13
N GLN A 85 -9.57 -12.12 3.25
CA GLN A 85 -10.41 -12.58 4.39
C GLN A 85 -10.68 -11.43 5.40
N SER A 86 -9.77 -10.45 5.45
CA SER A 86 -10.06 -9.14 6.03
C SER A 86 -10.97 -8.33 5.11
N ASP A 87 -11.35 -8.93 3.97
CA ASP A 87 -12.22 -8.28 2.99
C ASP A 87 -13.70 -8.19 3.38
N THR A 88 -14.08 -8.66 4.57
CA THR A 88 -15.43 -8.39 5.07
C THR A 88 -15.72 -6.87 4.98
N GLY A 89 -14.79 -6.06 5.46
CA GLY A 89 -14.94 -4.59 5.40
C GLY A 89 -13.82 -3.89 4.67
N LEU A 90 -13.21 -4.58 3.70
CA LEU A 90 -12.15 -4.02 2.87
C LEU A 90 -12.34 -4.49 1.43
N GLU A 91 -12.68 -3.57 0.52
CA GLU A 91 -12.59 -3.84 -0.93
C GLU A 91 -11.12 -3.77 -1.33
N MET A 92 -10.52 -4.92 -1.66
CA MET A 92 -9.07 -4.98 -1.84
C MET A 92 -8.70 -5.82 -3.06
N ASN A 93 -8.71 -5.17 -4.23
CA ASN A 93 -8.33 -5.81 -5.49
C ASN A 93 -6.81 -5.73 -5.69
N MET A 94 -6.14 -6.85 -5.45
CA MET A 94 -4.68 -6.96 -5.48
C MET A 94 -4.34 -8.02 -6.51
N GLY A 95 -3.28 -7.81 -7.29
CA GLY A 95 -2.85 -8.81 -8.27
C GLY A 95 -1.60 -8.44 -9.02
N ASN A 96 -1.17 -9.35 -9.90
CA ASN A 96 0.03 -9.15 -10.72
C ASN A 96 -0.27 -9.52 -12.15
N ALA A 97 -0.08 -8.60 -13.10
CA ALA A 97 -0.29 -8.89 -14.50
C ALA A 97 1.04 -8.75 -15.24
N MET A 98 1.38 -9.75 -16.04
CA MET A 98 2.58 -9.68 -16.88
C MET A 98 2.14 -9.51 -18.31
N PHE A 99 2.66 -8.48 -18.97
CA PHE A 99 2.36 -8.21 -20.38
C PHE A 99 3.59 -8.45 -21.26
N LEU A 100 3.44 -9.30 -22.26
CA LEU A 100 4.56 -9.71 -23.10
C LEU A 100 4.43 -9.14 -24.52
N LEU A 101 5.25 -8.14 -24.82
CA LEU A 101 5.27 -7.54 -26.14
C LEU A 101 6.28 -8.26 -27.04
N GLN A 102 6.40 -7.80 -28.29
CA GLN A 102 7.24 -8.48 -29.29
C GLN A 102 6.70 -9.90 -29.52
N LYS A 103 7.55 -10.88 -29.75
CA LYS A 103 7.09 -12.26 -29.93
C LYS A 103 7.29 -13.10 -28.68
N LEU A 104 7.51 -12.43 -27.55
CA LEU A 104 8.06 -13.08 -26.37
C LEU A 104 7.05 -13.92 -25.59
N LYS A 105 7.48 -15.12 -25.20
CA LYS A 105 6.72 -16.00 -24.33
C LYS A 105 7.50 -16.27 -23.06
N LEU A 106 6.80 -16.32 -21.93
CA LEU A 106 7.40 -16.76 -20.68
C LEU A 106 7.62 -18.26 -20.73
N LYS A 107 8.53 -18.76 -19.92
CA LYS A 107 8.71 -20.19 -19.76
C LYS A 107 7.45 -20.82 -19.23
N ASP A 108 7.13 -22.03 -19.69
CA ASP A 108 5.96 -22.74 -19.21
C ASP A 108 6.12 -23.04 -17.71
N SER A 109 7.32 -23.44 -17.33
CA SER A 109 7.69 -23.66 -15.94
C SER A 109 7.39 -22.46 -15.03
N PHE A 110 7.79 -21.27 -15.47
CA PHE A 110 7.64 -20.08 -14.67
C PHE A 110 6.16 -19.73 -14.58
N LEU A 111 5.49 -19.68 -15.73
CA LEU A 111 4.06 -19.33 -15.80
C LEU A 111 3.21 -20.22 -14.88
N ALA A 112 3.60 -21.49 -14.76
CA ALA A 112 2.89 -22.46 -13.93
C ALA A 112 3.15 -22.23 -12.44
N ASP A 113 4.42 -22.07 -12.07
CA ASP A 113 4.79 -21.81 -10.68
C ASP A 113 4.11 -20.53 -10.17
N VAL A 114 3.99 -19.54 -11.05
CA VAL A 114 3.43 -18.25 -10.66
C VAL A 114 1.91 -18.32 -10.45
N LYS A 115 1.20 -18.92 -11.39
CA LYS A 115 -0.24 -19.19 -11.25
C LYS A 115 -0.56 -19.89 -9.92
N GLN A 116 0.21 -20.93 -9.64
CA GLN A 116 0.08 -21.73 -8.43
C GLN A 116 0.26 -20.98 -7.10
N TYR A 117 1.42 -20.40 -6.88
CA TYR A 117 1.75 -19.83 -5.57
C TYR A 117 1.23 -18.41 -5.40
N TYR A 118 1.06 -17.71 -6.51
CA TYR A 118 0.59 -16.34 -6.52
C TYR A 118 -0.59 -16.35 -7.49
N GLU A 119 -1.29 -15.26 -7.71
CA GLU A 119 -2.48 -15.37 -8.56
C GLU A 119 -2.27 -14.66 -9.89
N SER A 120 -1.05 -14.68 -10.38
CA SER A 120 -0.66 -13.82 -11.51
C SER A 120 -1.23 -14.23 -12.85
N GLU A 121 -1.10 -13.30 -13.78
CA GLU A 121 -1.73 -13.36 -15.07
C GLU A 121 -0.72 -12.91 -16.11
N ALA A 122 -0.70 -13.58 -17.27
CA ALA A 122 0.24 -13.23 -18.34
C ALA A 122 -0.54 -13.05 -19.63
N LEU A 123 -0.35 -11.91 -20.28
CA LEU A 123 -1.12 -11.53 -21.47
C LEU A 123 -0.19 -11.04 -22.59
N ALA A 124 -0.38 -11.55 -23.80
CA ALA A 124 0.42 -11.14 -24.96
C ALA A 124 -0.15 -9.88 -25.62
N ILE A 125 0.61 -8.79 -25.59
CA ILE A 125 0.21 -7.54 -26.25
C ILE A 125 0.81 -7.50 -27.67
N ASP A 126 -0.04 -7.72 -28.68
CA ASP A 126 0.41 -7.88 -30.06
C ASP A 126 0.59 -6.56 -30.81
N PHE A 127 0.10 -5.45 -30.24
CA PHE A 127 0.28 -4.13 -30.85
C PHE A 127 1.73 -3.70 -30.77
N GLU A 128 2.32 -3.39 -31.93
CA GLU A 128 3.63 -2.75 -31.98
C GLU A 128 3.51 -1.28 -31.54
N ASP A 129 2.46 -0.59 -32.01
CA ASP A 129 2.18 0.77 -31.55
C ASP A 129 2.02 0.84 -30.03
N TRP A 130 2.87 1.66 -29.40
CA TRP A 130 2.90 1.75 -27.94
C TRP A 130 1.66 2.40 -27.35
N THR A 131 1.02 3.30 -28.10
CA THR A 131 -0.17 4.00 -27.61
C THR A 131 -1.33 3.01 -27.36
N LYS A 132 -1.57 2.14 -28.34
CA LYS A 132 -2.48 1.01 -28.20
C LYS A 132 -2.02 0.04 -27.08
N ALA A 133 -0.76 -0.40 -27.13
CA ALA A 133 -0.22 -1.30 -26.09
C ALA A 133 -0.50 -0.78 -24.70
N SER A 134 -0.16 0.48 -24.47
CA SER A 134 -0.34 1.07 -23.15
C SER A 134 -1.81 1.15 -22.75
N GLN A 135 -2.67 1.43 -23.72
CA GLN A 135 -4.11 1.49 -23.49
C GLN A 135 -4.67 0.12 -23.09
N GLN A 136 -4.23 -0.93 -23.80
CA GLN A 136 -4.67 -2.31 -23.52
C GLN A 136 -4.19 -2.72 -22.14
N ILE A 137 -2.94 -2.39 -21.85
CA ILE A 137 -2.40 -2.62 -20.51
C ILE A 137 -3.25 -1.85 -19.47
N ASN A 138 -3.61 -0.62 -19.82
CA ASN A 138 -4.44 0.22 -18.95
C ASN A 138 -5.87 -0.30 -18.81
N GLN A 139 -6.52 -0.71 -19.91
CA GLN A 139 -7.86 -1.32 -19.82
C GLN A 139 -7.85 -2.58 -18.92
N HIS A 140 -6.77 -3.36 -19.00
CA HIS A 140 -6.65 -4.58 -18.21
C HIS A 140 -6.79 -4.31 -16.74
N VAL A 141 -5.89 -3.49 -16.22
CA VAL A 141 -5.79 -3.23 -14.80
C VAL A 141 -7.04 -2.51 -14.25
N LYS A 142 -7.73 -1.79 -15.12
CA LYS A 142 -8.93 -1.08 -14.70
C LYS A 142 -9.99 -2.12 -14.35
N ASP A 143 -10.35 -2.91 -15.35
CA ASP A 143 -11.24 -4.06 -15.22
C ASP A 143 -10.94 -4.95 -14.03
N LYS A 144 -9.66 -5.11 -13.71
CA LYS A 144 -9.29 -5.97 -12.61
C LYS A 144 -9.44 -5.27 -11.28
N THR A 145 -9.60 -3.94 -11.29
CA THR A 145 -9.74 -3.14 -10.08
C THR A 145 -11.13 -2.50 -9.93
N GLN A 146 -12.13 -3.13 -10.54
CA GLN A 146 -13.52 -2.67 -10.44
C GLN A 146 -13.73 -1.26 -11.03
N GLY A 147 -13.12 -1.03 -12.20
CA GLY A 147 -13.12 0.30 -12.84
C GLY A 147 -12.27 1.38 -12.17
N LYS A 148 -11.53 1.04 -11.12
CA LYS A 148 -10.93 2.10 -10.28
C LYS A 148 -9.52 2.59 -10.65
N ILE A 149 -8.60 1.72 -11.02
CA ILE A 149 -7.29 2.17 -11.54
C ILE A 149 -7.42 2.27 -13.05
N GLU A 150 -7.56 3.49 -13.60
CA GLU A 150 -7.84 3.63 -15.02
C GLU A 150 -6.62 3.79 -15.93
N HIS A 151 -5.49 4.25 -15.38
CA HIS A 151 -4.27 4.38 -16.18
C HIS A 151 -3.12 3.85 -15.34
N VAL A 152 -2.15 3.21 -16.00
CA VAL A 152 -0.86 2.91 -15.41
C VAL A 152 0.27 3.57 -16.21
N PHE A 153 0.18 3.49 -17.53
CA PHE A 153 1.21 4.07 -18.41
C PHE A 153 0.60 5.16 -19.27
N SER A 154 1.45 5.76 -20.10
CA SER A 154 1.03 6.69 -21.14
C SER A 154 1.95 6.49 -22.33
N ASP A 157 5.78 7.14 -22.75
CA ASP A 157 6.27 6.76 -21.42
C ASP A 157 7.39 5.73 -21.47
N SER A 158 7.98 5.49 -22.64
CA SER A 158 9.00 4.45 -22.80
C SER A 158 8.37 3.06 -22.77
N PRO A 159 8.22 2.41 -23.94
CA PRO A 159 7.69 1.06 -24.06
C PRO A 159 8.72 -0.03 -23.79
N ALA A 160 8.39 -0.96 -22.89
CA ALA A 160 9.19 -2.14 -22.65
C ALA A 160 8.66 -3.35 -23.44
N SER A 161 9.46 -4.41 -23.50
CA SER A 161 9.07 -5.66 -24.13
C SER A 161 8.36 -6.56 -23.13
N PHE A 162 8.83 -6.55 -21.89
CA PHE A 162 8.19 -7.31 -20.83
C PHE A 162 7.76 -6.33 -19.75
N ILE A 163 6.48 -6.36 -19.42
CA ILE A 163 5.96 -5.46 -18.40
C ILE A 163 5.27 -6.23 -17.27
N LEU A 164 5.67 -5.95 -16.03
CA LEU A 164 4.96 -6.47 -14.88
C LEU A 164 4.22 -5.31 -14.22
N VAL A 165 2.91 -5.43 -14.06
CA VAL A 165 2.19 -4.50 -13.16
C VAL A 165 1.73 -5.21 -11.89
N ASN A 166 2.21 -4.76 -10.75
CA ASN A 166 1.64 -5.17 -9.50
C ASN A 166 0.68 -4.07 -9.07
N TYR A 167 -0.58 -4.41 -8.90
CA TYR A 167 -1.58 -3.40 -8.55
C TYR A 167 -2.35 -3.74 -7.26
N ILE A 168 -2.84 -2.71 -6.59
CA ILE A 168 -3.72 -2.88 -5.41
C ILE A 168 -4.64 -1.64 -5.39
N PHE A 169 -5.95 -1.86 -5.56
CA PHE A 169 -6.95 -0.88 -5.11
C PHE A 169 -7.43 -1.24 -3.70
N LEU A 170 -7.38 -0.30 -2.77
CA LEU A 170 -7.97 -0.48 -1.45
C LEU A 170 -9.02 0.59 -1.05
N ARG A 171 -10.10 0.13 -0.42
CA ARG A 171 -11.18 0.97 0.10
C ARG A 171 -11.91 0.21 1.23
N GLY A 172 -12.09 0.83 2.37
CA GLY A 172 -12.69 0.12 3.51
C GLY A 172 -13.93 0.73 4.11
N ILE A 173 -14.59 -0.08 4.93
CA ILE A 173 -15.76 0.34 5.71
C ILE A 173 -15.30 0.42 7.17
N TRP A 174 -15.56 1.58 7.79
CA TRP A 174 -15.10 1.87 9.14
C TRP A 174 -16.05 1.24 10.15
N GLU A 175 -15.51 0.80 11.29
CA GLU A 175 -16.31 0.47 12.46
C GLU A 175 -17.10 1.70 12.92
N LEU A 176 -16.50 2.86 12.78
CA LEU A 176 -17.11 4.14 13.10
C LEU A 176 -17.20 4.99 11.85
N PRO A 177 -18.21 4.75 11.02
CA PRO A 177 -18.30 5.53 9.79
C PRO A 177 -18.62 7.01 10.01
N PHE A 178 -18.23 7.84 9.04
CA PHE A 178 -18.63 9.24 9.02
C PHE A 178 -19.95 9.38 8.30
N SER A 179 -20.71 10.41 8.66
CA SER A 179 -21.97 10.71 8.01
C SER A 179 -21.69 11.66 6.85
N PRO A 180 -22.00 11.23 5.61
CA PRO A 180 -21.81 12.10 4.43
C PRO A 180 -22.42 13.50 4.57
N GLU A 181 -23.49 13.63 5.35
CA GLU A 181 -24.12 14.91 5.63
C GLU A 181 -23.18 15.91 6.32
N ASN A 182 -22.25 15.39 7.09
CA ASN A 182 -21.31 16.21 7.87
C ASN A 182 -20.05 16.61 7.12
N THR A 183 -19.81 15.99 5.97
CA THR A 183 -18.63 16.29 5.17
C THR A 183 -18.75 17.68 4.56
N ARG A 184 -17.74 18.52 4.82
CA ARG A 184 -17.76 19.88 4.29
C ARG A 184 -16.38 20.39 3.92
N GLU A 185 -16.38 21.34 2.98
CA GLU A 185 -15.15 21.93 2.47
C GLU A 185 -14.43 22.70 3.57
N GLU A 186 -13.18 22.35 3.81
CA GLU A 186 -12.32 23.09 4.70
C GLU A 186 -10.96 23.28 4.08
N ASP A 187 -10.19 24.21 4.65
CA ASP A 187 -8.79 24.42 4.30
C ASP A 187 -7.90 23.25 4.70
N PHE A 188 -7.01 22.87 3.81
CA PHE A 188 -5.93 21.98 4.16
C PHE A 188 -4.62 22.72 3.93
N TYR A 189 -3.73 22.69 4.91
CA TYR A 189 -2.48 23.43 4.83
C TYR A 189 -1.33 22.57 4.29
N VAL A 190 -1.10 22.67 2.98
CA VAL A 190 -0.14 21.82 2.27
C VAL A 190 1.30 22.09 2.67
N ASN A 191 1.66 23.35 2.68
CA ASN A 191 2.99 23.77 3.08
C ASN A 191 2.90 25.10 3.83
N GLU A 192 3.93 25.93 3.71
CA GLU A 192 4.04 27.14 4.54
C GLU A 192 3.31 28.33 3.91
N THR A 193 3.10 28.25 2.61
CA THR A 193 2.46 29.34 1.87
C THR A 193 1.08 28.96 1.32
N SER A 194 0.87 27.68 1.04
CA SER A 194 -0.28 27.24 0.28
C SER A 194 -1.34 26.46 1.11
N THR A 195 -2.58 26.95 1.06
CA THR A 195 -3.73 26.18 1.51
C THR A 195 -4.60 25.86 0.29
N VAL A 196 -5.27 24.71 0.35
CA VAL A 196 -6.12 24.21 -0.71
C VAL A 196 -7.40 23.78 0.01
N LYS A 197 -8.49 23.71 -0.73
CA LYS A 197 -9.77 23.23 -0.18
C LYS A 197 -9.87 21.71 -0.36
N VAL A 198 -10.28 21.00 0.68
CA VAL A 198 -10.55 19.54 0.61
C VAL A 198 -11.89 19.21 1.28
N PRO A 199 -12.60 18.17 0.79
CA PRO A 199 -13.77 17.72 1.56
C PRO A 199 -13.33 17.11 2.86
N MET A 200 -13.77 17.70 3.97
CA MET A 200 -13.38 17.24 5.29
C MET A 200 -14.55 16.53 5.95
N MET A 201 -14.30 15.26 6.27
CA MET A 201 -15.25 14.40 6.97
C MET A 201 -15.17 14.70 8.44
N VAL A 202 -16.30 14.69 9.15
CA VAL A 202 -16.26 14.98 10.57
C VAL A 202 -17.21 14.10 11.39
N GLN A 203 -16.69 13.61 12.51
CA GLN A 203 -17.47 12.83 13.46
C GLN A 203 -16.99 13.10 14.87
N SER A 204 -17.86 12.83 15.83
CA SER A 204 -17.52 12.86 17.25
C SER A 204 -17.81 11.50 17.86
N GLY A 205 -16.93 11.06 18.76
CA GLY A 205 -17.13 9.78 19.41
C GLY A 205 -15.96 9.37 20.26
N SER A 206 -16.05 8.17 20.83
CA SER A 206 -14.95 7.57 21.55
C SER A 206 -14.06 6.82 20.55
N ILE A 207 -12.86 7.33 20.34
CA ILE A 207 -11.96 6.88 19.28
C ILE A 207 -10.56 6.67 19.87
N GLY A 208 -9.89 5.59 19.45
CA GLY A 208 -8.54 5.27 19.91
C GLY A 208 -7.61 6.40 19.54
N TYR A 209 -6.88 6.89 20.52
CA TYR A 209 -6.10 8.11 20.40
C TYR A 209 -4.86 7.98 21.28
N PHE A 210 -3.77 8.61 20.87
CA PHE A 210 -2.57 8.68 21.69
C PHE A 210 -1.80 9.93 21.36
N ARG A 211 -1.32 10.63 22.38
CA ARG A 211 -0.43 11.75 22.14
C ARG A 211 0.96 11.34 22.63
N ASP A 212 1.90 11.16 21.70
CA ASP A 212 3.24 10.67 22.03
C ASP A 212 4.17 11.83 22.32
N SER A 213 5.18 11.62 23.15
CA SER A 213 6.14 12.71 23.40
C SER A 213 7.55 12.49 22.84
N VAL A 214 8.03 11.25 22.87
CA VAL A 214 9.35 10.91 22.33
C VAL A 214 9.39 11.21 20.82
N PHE A 215 8.27 10.95 20.15
CA PHE A 215 8.11 11.25 18.74
C PHE A 215 6.92 12.18 18.75
N PRO A 216 7.12 13.46 18.41
CA PRO A 216 6.02 14.37 18.71
C PRO A 216 4.93 14.29 17.67
N CYS A 217 3.86 13.57 18.02
CA CYS A 217 2.72 13.41 17.13
C CYS A 217 1.49 13.06 17.95
N GLN A 218 0.34 13.09 17.30
CA GLN A 218 -0.86 12.50 17.84
C GLN A 218 -1.28 11.38 16.90
N LEU A 219 -1.80 10.28 17.46
CA LEU A 219 -2.32 9.17 16.66
C LEU A 219 -3.84 8.98 16.86
N ILE A 220 -4.54 8.72 15.76
CA ILE A 220 -5.90 8.22 15.79
C ILE A 220 -5.88 6.82 15.13
N GLN A 221 -6.43 5.84 15.84
CA GLN A 221 -6.62 4.48 15.29
C GLN A 221 -8.09 4.31 14.89
N MET A 222 -8.31 4.11 13.60
CA MET A 222 -9.64 3.83 13.10
C MET A 222 -9.65 2.39 12.55
N ASP A 223 -10.48 1.54 13.15
CA ASP A 223 -10.67 0.19 12.65
C ASP A 223 -11.61 0.13 11.45
N TYR A 224 -11.25 -0.69 10.46
CA TYR A 224 -12.20 -1.15 9.49
C TYR A 224 -12.96 -2.32 10.08
N VAL A 225 -14.18 -2.51 9.58
CA VAL A 225 -14.89 -3.75 9.72
C VAL A 225 -13.98 -4.86 9.16
N GLY A 226 -13.90 -5.96 9.89
CA GLY A 226 -12.92 -7.01 9.61
C GLY A 226 -11.64 -6.74 10.36
N ASN A 227 -10.55 -7.34 9.91
CA ASN A 227 -9.27 -7.23 10.60
C ASN A 227 -8.44 -6.00 10.22
N GLY A 228 -8.87 -5.21 9.23
CA GLY A 228 -8.15 -4.00 8.84
C GLY A 228 -8.17 -2.93 9.93
N THR A 229 -7.11 -2.12 9.96
CA THR A 229 -7.04 -0.99 10.89
C THR A 229 -6.16 0.10 10.27
N ALA A 230 -6.46 1.35 10.61
CA ALA A 230 -5.74 2.51 10.08
C ALA A 230 -5.15 3.31 11.23
N PHE A 231 -3.85 3.61 11.12
CA PHE A 231 -3.26 4.60 11.98
C PHE A 231 -3.10 5.92 11.23
N PHE A 232 -3.79 6.95 11.71
CA PHE A 232 -3.66 8.31 11.21
C PHE A 232 -2.69 8.99 12.16
N ILE A 233 -1.57 9.47 11.63
CA ILE A 233 -0.50 10.02 12.45
C ILE A 233 -0.25 11.47 12.06
N LEU A 234 -0.54 12.38 13.00
CA LEU A 234 -0.44 13.83 12.80
C LEU A 234 0.77 14.38 13.54
N PRO A 235 1.88 14.62 12.81
CA PRO A 235 3.05 15.17 13.50
C PRO A 235 2.80 16.56 14.07
N ASP A 236 3.42 16.88 15.20
CA ASP A 236 3.41 18.24 15.76
C ASP A 236 4.02 19.19 14.73
N GLN A 237 3.79 20.48 14.88
CA GLN A 237 4.24 21.42 13.85
C GLN A 237 5.75 21.33 13.73
N GLY A 238 6.25 21.23 12.51
CA GLY A 238 7.68 21.15 12.24
C GLY A 238 8.33 19.79 12.48
N GLN A 239 7.52 18.79 12.77
CA GLN A 239 8.05 17.53 13.28
C GLN A 239 7.91 16.33 12.35
N MET A 240 7.44 16.54 11.13
CA MET A 240 7.25 15.42 10.20
C MET A 240 8.50 14.57 9.97
N ASP A 241 9.66 15.20 9.81
CA ASP A 241 10.89 14.47 9.53
C ASP A 241 11.23 13.54 10.68
N THR A 242 11.17 14.08 11.91
CA THR A 242 11.35 13.32 13.14
C THR A 242 10.47 12.08 13.30
N VAL A 243 9.16 12.25 13.09
CA VAL A 243 8.20 11.14 13.21
C VAL A 243 8.48 10.05 12.17
N ILE A 244 8.64 10.45 10.92
CA ILE A 244 9.07 9.57 9.82
C ILE A 244 10.31 8.74 10.18
N ALA A 245 11.29 9.36 10.84
CA ALA A 245 12.49 8.65 11.29
C ALA A 245 12.21 7.69 12.45
N ALA A 246 11.11 7.93 13.15
CA ALA A 246 10.61 7.11 14.27
C ALA A 246 10.02 5.79 13.81
N LEU A 247 9.57 5.75 12.57
CA LEU A 247 8.82 4.58 12.13
C LEU A 247 9.66 3.28 12.11
N SER A 248 9.19 2.32 12.89
CA SER A 248 9.71 0.98 12.88
C SER A 248 8.66 0.04 13.46
N ARG A 249 8.93 -1.25 13.37
CA ARG A 249 8.10 -2.28 14.00
C ARG A 249 8.14 -2.08 15.53
N ASP A 250 9.27 -1.67 16.04
CA ASP A 250 9.39 -1.31 17.47
C ASP A 250 8.42 -0.20 17.91
N THR A 251 8.38 0.87 17.11
CA THR A 251 7.65 2.09 17.39
C THR A 251 6.12 1.85 17.26
N ILE A 252 5.67 1.27 16.14
CA ILE A 252 4.25 0.93 15.95
C ILE A 252 3.67 -0.07 16.97
N ASP A 253 4.49 -0.99 17.48
CA ASP A 253 4.12 -1.88 18.56
C ASP A 253 3.82 -1.12 19.85
N ARG A 254 4.64 -0.13 20.12
CA ARG A 254 4.44 0.77 21.24
C ARG A 254 3.15 1.54 21.10
N TRP A 255 3.01 2.20 19.96
CA TRP A 255 1.84 3.00 19.71
C TRP A 255 0.59 2.19 19.83
N GLY A 256 0.55 1.03 19.16
CA GLY A 256 -0.60 0.14 19.22
C GLY A 256 -1.01 -0.23 20.64
N LYS A 257 -0.02 -0.35 21.52
CA LYS A 257 -0.30 -0.74 22.92
C LYS A 257 -0.74 0.42 23.81
N LEU A 258 -0.58 1.65 23.34
CA LEU A 258 -0.90 2.84 24.13
C LEU A 258 -2.16 3.57 23.67
N MET A 259 -2.68 3.21 22.49
CA MET A 259 -3.97 3.74 22.03
C MET A 259 -5.08 3.47 23.02
N THR A 260 -5.77 4.52 23.46
CA THR A 260 -6.93 4.37 24.35
C THR A 260 -8.10 5.18 23.81
N PRO A 261 -9.33 4.68 23.98
CA PRO A 261 -10.52 5.45 23.59
C PRO A 261 -10.58 6.80 24.28
N ARG A 262 -10.87 7.85 23.54
CA ARG A 262 -10.98 9.19 24.10
C ARG A 262 -12.07 9.87 23.30
N GLN A 263 -12.87 10.72 23.95
CA GLN A 263 -13.90 11.45 23.21
C GLN A 263 -13.23 12.51 22.34
N VAL A 264 -13.45 12.40 21.03
CA VAL A 264 -12.81 13.30 20.09
C VAL A 264 -13.80 13.85 19.07
N ASN A 265 -13.52 15.06 18.60
CA ASN A 265 -14.08 15.59 17.38
C ASN A 265 -13.04 15.34 16.29
N LEU A 266 -13.35 14.47 15.35
CA LEU A 266 -12.35 13.98 14.37
C LEU A 266 -12.64 14.46 12.97
N TYR A 267 -11.64 15.14 12.40
CA TYR A 267 -11.71 15.73 11.08
C TYR A 267 -10.66 15.08 10.17
N ILE A 268 -11.13 14.35 9.16
CA ILE A 268 -10.24 13.62 8.26
C ILE A 268 -10.67 13.94 6.84
N PRO A 269 -9.73 14.22 5.93
CA PRO A 269 -10.16 14.51 4.56
C PRO A 269 -10.65 13.26 3.79
N LYS A 270 -11.63 13.48 2.92
CA LYS A 270 -12.09 12.47 1.98
C LYS A 270 -11.29 12.67 0.69
N PHE A 271 -10.63 11.61 0.24
CA PHE A 271 -9.78 11.65 -0.96
C PHE A 271 -9.55 10.25 -1.52
N SER A 272 -9.30 10.17 -2.82
CA SER A 272 -8.62 9.00 -3.45
C SER A 272 -7.19 9.38 -3.86
N MET A 273 -6.23 8.53 -3.59
CA MET A 273 -4.86 8.80 -3.94
C MET A 273 -4.31 7.62 -4.70
N SER A 274 -3.41 7.88 -5.62
CA SER A 274 -2.76 6.79 -6.30
C SER A 274 -1.31 7.17 -6.57
N ASP A 275 -0.48 6.15 -6.75
CA ASP A 275 0.93 6.37 -6.92
C ASP A 275 1.56 5.16 -7.54
N THR A 276 2.71 5.39 -8.18
CA THR A 276 3.49 4.34 -8.82
C THR A 276 4.87 4.22 -8.16
N TYR A 277 5.41 3.00 -8.12
CA TYR A 277 6.74 2.70 -7.58
C TYR A 277 7.48 1.75 -8.56
N ASP A 278 8.65 2.17 -9.03
CA ASP A 278 9.50 1.35 -9.90
C ASP A 278 10.09 0.21 -9.10
N LEU A 279 9.60 -0.99 -9.32
CA LEU A 279 10.10 -2.17 -8.60
C LEU A 279 11.57 -2.50 -8.90
N LYS A 280 12.09 -1.98 -10.01
CA LYS A 280 13.49 -2.19 -10.37
C LYS A 280 14.51 -1.57 -9.41
N ASP A 281 14.09 -0.71 -8.47
CA ASP A 281 15.07 -0.18 -7.51
C ASP A 281 15.18 -1.07 -6.26
N VAL A 282 14.21 -1.94 -6.05
CA VAL A 282 14.34 -2.99 -5.04
C VAL A 282 14.76 -4.33 -5.69
N LEU A 283 14.44 -4.51 -6.97
CA LEU A 283 14.73 -5.75 -7.70
C LEU A 283 15.66 -5.45 -8.88
N GLU A 284 16.93 -5.21 -8.56
CA GLU A 284 17.89 -4.68 -9.54
C GLU A 284 18.67 -5.80 -10.23
N ASP A 285 18.85 -5.65 -11.54
CA ASP A 285 19.56 -6.64 -12.37
C ASP A 285 18.91 -8.03 -12.38
N LEU A 286 17.59 -8.06 -12.63
CA LEU A 286 16.88 -9.32 -12.95
C LEU A 286 17.34 -9.75 -14.33
N ASN A 287 17.53 -11.05 -14.55
CA ASN A 287 17.78 -11.55 -15.89
C ASN A 287 16.49 -12.00 -16.55
N ILE A 288 15.94 -11.13 -17.41
CA ILE A 288 14.66 -11.42 -18.07
C ILE A 288 14.72 -12.74 -18.84
N LYS A 289 15.90 -13.12 -19.30
CA LYS A 289 16.08 -14.40 -20.00
C LYS A 289 15.79 -15.62 -19.10
N ASP A 290 15.95 -15.45 -17.78
CA ASP A 290 15.56 -16.47 -16.80
C ASP A 290 14.05 -16.75 -16.83
N LEU A 291 13.24 -15.74 -17.19
CA LEU A 291 11.78 -15.86 -17.22
C LEU A 291 11.25 -16.26 -18.60
N LEU A 292 11.97 -15.87 -19.66
CA LEU A 292 11.52 -16.09 -21.04
C LEU A 292 12.01 -17.41 -21.63
N THR A 293 11.17 -18.02 -22.45
CA THR A 293 11.54 -19.21 -23.20
C THR A 293 12.32 -18.75 -24.41
N ASN A 294 13.46 -19.39 -24.67
CA ASN A 294 14.39 -18.94 -25.71
C ASN A 294 15.46 -19.97 -26.03
N LEU A 307 14.84 -8.30 -24.35
CA LEU A 307 15.31 -6.93 -24.61
C LEU A 307 15.15 -6.01 -23.39
N THR A 308 13.92 -5.53 -23.12
CA THR A 308 13.71 -4.51 -22.08
C THR A 308 12.70 -4.93 -21.00
N LEU A 309 12.62 -4.14 -19.95
CA LEU A 309 11.91 -4.54 -18.75
C LEU A 309 11.25 -3.34 -18.07
N THR A 310 9.94 -3.43 -17.83
CA THR A 310 9.25 -2.47 -16.96
C THR A 310 8.51 -3.21 -15.88
N MET A 311 8.86 -2.97 -14.63
CA MET A 311 8.17 -3.56 -13.52
C MET A 311 7.72 -2.46 -12.59
N VAL A 312 6.40 -2.30 -12.47
CA VAL A 312 5.84 -1.21 -11.67
C VAL A 312 4.78 -1.70 -10.68
N HIS A 313 4.78 -1.06 -9.53
CA HIS A 313 3.74 -1.22 -8.53
C HIS A 313 2.88 0.03 -8.52
N LYS A 314 1.59 -0.12 -8.80
CA LYS A 314 0.62 0.96 -8.68
C LYS A 314 -0.41 0.70 -7.60
N ALA A 315 -0.44 1.58 -6.60
CA ALA A 315 -1.36 1.50 -5.48
C ALA A 315 -2.40 2.62 -5.55
N MET A 316 -3.65 2.33 -5.15
CA MET A 316 -4.74 3.31 -5.16
C MET A 316 -5.58 3.10 -3.87
N LEU A 317 -5.67 4.16 -3.04
CA LEU A 317 -6.47 4.16 -1.81
C LEU A 317 -7.61 5.13 -2.01
N GLN A 318 -8.86 4.66 -1.90
CA GLN A 318 -10.04 5.52 -1.64
C GLN A 318 -10.40 5.65 -0.12
N LEU A 319 -10.20 6.85 0.45
CA LEU A 319 -10.48 7.15 1.86
C LEU A 319 -11.74 8.04 1.89
N ASP A 320 -12.85 7.48 2.35
CA ASP A 320 -14.12 8.19 2.42
C ASP A 320 -14.91 7.84 3.68
N GLU A 321 -16.22 8.12 3.71
CA GLU A 321 -16.97 8.07 4.97
C GLU A 321 -17.18 6.63 5.48
N GLY A 322 -17.10 5.66 4.57
CA GLY A 322 -16.94 4.26 4.92
C GLY A 322 -18.12 3.62 5.62
N ASN A 323 -19.34 4.03 5.28
CA ASN A 323 -20.51 3.43 5.93
C ASN A 323 -21.06 2.22 5.16
N VAL A 324 -21.50 1.22 5.93
CA VAL A 324 -22.09 -0.01 5.39
C VAL A 324 -23.50 0.28 4.93
N LEU A 325 -24.27 0.82 5.85
CA LEU A 325 -25.66 1.15 5.66
C LEU A 325 -25.80 2.66 5.66
N LEU A 336 -21.77 11.04 28.50
CA LEU A 336 -20.40 11.32 28.94
C LEU A 336 -20.25 12.80 29.29
N ARG A 337 -19.67 13.07 30.45
CA ARG A 337 -19.38 14.44 30.88
C ARG A 337 -17.91 14.79 30.65
N SER A 338 -17.32 14.27 29.57
CA SER A 338 -15.96 14.62 29.19
C SER A 338 -15.99 15.53 27.97
N GLU A 339 -15.21 16.62 28.04
CA GLU A 339 -15.09 17.55 26.92
C GLU A 339 -14.24 16.94 25.80
N PRO A 340 -14.79 16.88 24.56
CA PRO A 340 -14.07 16.23 23.48
C PRO A 340 -12.90 17.07 22.98
N LEU A 341 -11.85 16.40 22.52
CA LEU A 341 -10.70 17.09 21.90
C LEU A 341 -10.88 17.10 20.42
N ASP A 342 -10.52 18.21 19.82
CA ASP A 342 -10.61 18.39 18.39
C ASP A 342 -9.26 17.98 17.83
N ILE A 343 -9.27 17.05 16.88
CA ILE A 343 -8.05 16.75 16.12
C ILE A 343 -8.37 16.79 14.65
N LYS A 344 -7.69 17.67 13.93
CA LYS A 344 -7.89 17.81 12.50
C LYS A 344 -6.65 17.38 11.73
N PHE A 345 -6.85 16.49 10.77
CA PHE A 345 -5.82 16.10 9.82
C PHE A 345 -5.96 17.04 8.65
N ASN A 346 -5.60 18.30 8.92
CA ASN A 346 -5.77 19.40 7.98
C ASN A 346 -4.41 19.97 7.50
N LYS A 347 -3.36 19.17 7.72
CA LYS A 347 -1.99 19.43 7.30
C LYS A 347 -1.32 18.07 7.04
N PRO A 348 -0.14 18.05 6.39
CA PRO A 348 0.37 16.72 6.03
C PRO A 348 0.45 15.71 7.17
N PHE A 349 0.07 14.47 6.86
CA PHE A 349 0.06 13.41 7.83
C PHE A 349 0.53 12.07 7.27
N ILE A 350 0.73 11.11 8.16
CA ILE A 350 1.12 9.75 7.83
C ILE A 350 -0.08 8.83 8.04
N LEU A 351 -0.32 7.93 7.08
CA LEU A 351 -1.45 6.99 7.10
C LEU A 351 -0.84 5.58 6.97
N LEU A 352 -0.99 4.73 7.98
CA LEU A 352 -0.53 3.34 7.92
C LEU A 352 -1.69 2.39 8.06
N LEU A 353 -1.98 1.58 7.02
CA LEU A 353 -3.02 0.55 7.11
C LEU A 353 -2.41 -0.83 7.26
N PHE A 354 -2.89 -1.57 8.25
CA PHE A 354 -2.39 -2.89 8.58
C PHE A 354 -3.52 -3.90 8.69
N ASP A 355 -3.16 -5.17 8.48
CA ASP A 355 -4.04 -6.29 8.83
C ASP A 355 -3.68 -6.77 10.23
N LYS A 356 -4.64 -6.68 11.14
CA LYS A 356 -4.43 -7.10 12.53
C LYS A 356 -4.20 -8.60 12.68
N PHE A 357 -4.65 -9.39 11.71
CA PHE A 357 -4.56 -10.86 11.78
C PHE A 357 -3.18 -11.37 11.35
N THR A 358 -2.75 -11.02 10.15
CA THR A 358 -1.43 -11.39 9.63
C THR A 358 -0.28 -10.44 9.99
N TRP A 359 -0.61 -9.26 10.53
CA TRP A 359 0.34 -8.16 10.81
C TRP A 359 0.97 -7.54 9.56
N SER A 360 0.29 -7.71 8.43
CA SER A 360 0.70 -7.19 7.16
C SER A 360 0.51 -5.68 7.04
N SER A 361 1.41 -5.04 6.32
CA SER A 361 1.32 -3.64 5.96
C SER A 361 0.59 -3.59 4.63
N LEU A 362 -0.65 -3.14 4.70
CA LEU A 362 -1.52 -3.07 3.54
C LEU A 362 -1.23 -1.86 2.69
N MET A 363 -0.90 -0.76 3.35
CA MET A 363 -0.62 0.52 2.72
C MET A 363 0.18 1.35 3.67
N MET A 364 1.16 2.10 3.14
CA MET A 364 1.80 3.19 3.91
C MET A 364 1.76 4.43 3.07
N SER A 365 1.38 5.55 3.69
CA SER A 365 1.21 6.78 2.94
C SER A 365 1.73 8.03 3.65
N GLN A 366 2.30 8.97 2.88
CA GLN A 366 2.49 10.35 3.36
C GLN A 366 1.48 11.16 2.61
N VAL A 367 0.51 11.76 3.32
CA VAL A 367 -0.53 12.55 2.65
C VAL A 367 -0.13 14.00 2.78
N VAL A 368 0.31 14.58 1.68
CA VAL A 368 0.84 15.95 1.66
C VAL A 368 -0.23 16.88 1.12
N ASN A 369 -1.07 16.37 0.24
CA ASN A 369 -2.04 17.16 -0.46
C ASN A 369 -3.19 16.26 -0.94
N PRO A 370 -4.34 16.26 -0.22
CA PRO A 370 -5.52 15.49 -0.64
C PRO A 370 -6.49 16.15 -1.61
N ALA A 371 -6.24 17.39 -2.03
CA ALA A 371 -7.13 18.08 -3.00
C ALA A 371 -7.13 17.47 -4.39
#